data_1EDW
# 
_entry.id   1EDW 
# 
_audit_conform.dict_name       mmcif_pdbx.dic 
_audit_conform.dict_version    5.392 
_audit_conform.dict_location   http://mmcif.pdb.org/dictionaries/ascii/mmcif_pdbx.dic 
# 
loop_
_database_2.database_id 
_database_2.database_code 
_database_2.pdbx_database_accession 
_database_2.pdbx_DOI 
PDB   1EDW         pdb_00001edw 10.2210/pdb1edw/pdb 
RCSB  RCSB010475   ?            ?                   
WWPDB D_1000010475 ?            ?                   
# 
loop_
_pdbx_audit_revision_history.ordinal 
_pdbx_audit_revision_history.data_content_type 
_pdbx_audit_revision_history.major_revision 
_pdbx_audit_revision_history.minor_revision 
_pdbx_audit_revision_history.revision_date 
1 'Structure model' 1 0 2000-08-09 
2 'Structure model' 1 1 2008-04-27 
3 'Structure model' 1 2 2011-07-13 
4 'Structure model' 1 3 2022-02-16 
5 'Structure model' 1 4 2024-05-22 
# 
_pdbx_audit_revision_details.ordinal             1 
_pdbx_audit_revision_details.revision_ordinal    1 
_pdbx_audit_revision_details.data_content_type   'Structure model' 
_pdbx_audit_revision_details.provider            repository 
_pdbx_audit_revision_details.type                'Initial release' 
_pdbx_audit_revision_details.description         ? 
_pdbx_audit_revision_details.details             ? 
# 
loop_
_pdbx_audit_revision_group.ordinal 
_pdbx_audit_revision_group.revision_ordinal 
_pdbx_audit_revision_group.data_content_type 
_pdbx_audit_revision_group.group 
1 2 'Structure model' 'Version format compliance' 
2 3 'Structure model' 'Version format compliance' 
3 4 'Structure model' 'Data collection'           
4 4 'Structure model' 'Database references'       
5 4 'Structure model' 'Derived calculations'      
6 5 'Structure model' 'Data collection'           
# 
loop_
_pdbx_audit_revision_category.ordinal 
_pdbx_audit_revision_category.revision_ordinal 
_pdbx_audit_revision_category.data_content_type 
_pdbx_audit_revision_category.category 
1 4 'Structure model' database_2            
2 4 'Structure model' pdbx_nmr_software     
3 4 'Structure model' pdbx_struct_assembly  
4 4 'Structure model' pdbx_struct_oper_list 
5 5 'Structure model' chem_comp_atom        
6 5 'Structure model' chem_comp_bond        
# 
loop_
_pdbx_audit_revision_item.ordinal 
_pdbx_audit_revision_item.revision_ordinal 
_pdbx_audit_revision_item.data_content_type 
_pdbx_audit_revision_item.item 
1 4 'Structure model' '_database_2.pdbx_DOI'                
2 4 'Structure model' '_database_2.pdbx_database_accession' 
3 4 'Structure model' '_pdbx_nmr_software.name'             
# 
_pdbx_database_status.status_code                     REL 
_pdbx_database_status.entry_id                        1EDW 
_pdbx_database_status.recvd_initial_deposition_date   2000-01-28 
_pdbx_database_status.deposit_site                    RCSB 
_pdbx_database_status.process_site                    RCSB 
_pdbx_database_status.status_code_mr                  REL 
_pdbx_database_status.SG_entry                        . 
_pdbx_database_status.pdb_format_compatible           Y 
_pdbx_database_status.status_code_sf                  ? 
_pdbx_database_status.status_code_cs                  ? 
_pdbx_database_status.status_code_nmr_data            ? 
_pdbx_database_status.methods_development_category    ? 
# 
loop_
_pdbx_database_related.db_name 
_pdbx_database_related.db_id 
_pdbx_database_related.details 
_pdbx_database_related.content_type 
PDB 1EDX 'amino terminal of bovine rhodopsin'          unspecified 
PDB 1EDS 'First intradiskal loop of bovine rhodopsin'  unspecified 
PDB 1EDV 'Second intradiskal loop of bovine rhodopsin' unspecified 
# 
loop_
_audit_author.name 
_audit_author.pdbx_ordinal 
'Yeagle, P.L.' 1 
'Salloum, A.'  2 
'Chopra, A.'   3 
'Bhawsar, N.'  4 
'Ali, L.'      5 
# 
_citation.id                        primary 
_citation.title                     'Structures of the intradiskal loops and amino terminus of the G-protein receptor, rhodopsin.' 
_citation.journal_abbrev            J.Pept.Res. 
_citation.journal_volume            55 
_citation.page_first                455 
_citation.page_last                 465 
_citation.year                      2000 
_citation.journal_id_ASTM           JPERFA 
_citation.country                   DK 
_citation.journal_id_ISSN           1397-002X 
_citation.journal_id_CSD            2150 
_citation.book_publisher            ? 
_citation.pdbx_database_id_PubMed   10888202 
_citation.pdbx_database_id_DOI      10.1034/j.1399-3011.2000.00707.x 
# 
loop_
_citation_author.citation_id 
_citation_author.name 
_citation_author.ordinal 
_citation_author.identifier_ORCID 
primary 'Yeagle, P.L.'    1 ? 
primary 'Salloum, A.'     2 ? 
primary 'Chopra, A.'      3 ? 
primary 'Bhawsar, N.'     4 ? 
primary 'Ali, L.'         5 ? 
primary 'Kuzmanovski, G.' 6 ? 
primary 'Alderfer, J.L.'  7 ? 
primary 'Albert, A.D.'    8 ? 
# 
_entity.id                         1 
_entity.type                       polymer 
_entity.src_method                 syn 
_entity.pdbx_description           RHODOPSIN 
_entity.formula_weight             2899.299 
_entity.pdbx_number_of_molecules   1 
_entity.pdbx_ec                    ? 
_entity.pdbx_mutation              ? 
_entity.pdbx_fragment              'THIRD INTRADISKAL LOOP (RESIDUES 268-293)' 
_entity.details                    ? 
# 
_entity_poly.entity_id                      1 
_entity_poly.type                           'polypeptide(L)' 
_entity_poly.nstd_linkage                   no 
_entity_poly.nstd_monomer                   no 
_entity_poly.pdbx_seq_one_letter_code       YAGVAFYIFTHQGSDFGPIFMTIPAF 
_entity_poly.pdbx_seq_one_letter_code_can   YAGVAFYIFTHQGSDFGPIFMTIPAF 
_entity_poly.pdbx_strand_id                 A 
_entity_poly.pdbx_target_identifier         ? 
# 
loop_
_entity_poly_seq.entity_id 
_entity_poly_seq.num 
_entity_poly_seq.mon_id 
_entity_poly_seq.hetero 
1 1  TYR n 
1 2  ALA n 
1 3  GLY n 
1 4  VAL n 
1 5  ALA n 
1 6  PHE n 
1 7  TYR n 
1 8  ILE n 
1 9  PHE n 
1 10 THR n 
1 11 HIS n 
1 12 GLN n 
1 13 GLY n 
1 14 SER n 
1 15 ASP n 
1 16 PHE n 
1 17 GLY n 
1 18 PRO n 
1 19 ILE n 
1 20 PHE n 
1 21 MET n 
1 22 THR n 
1 23 ILE n 
1 24 PRO n 
1 25 ALA n 
1 26 PHE n 
# 
_pdbx_entity_src_syn.entity_id              1 
_pdbx_entity_src_syn.pdbx_src_id            1 
_pdbx_entity_src_syn.pdbx_alt_source_flag   sample 
_pdbx_entity_src_syn.pdbx_beg_seq_num       ? 
_pdbx_entity_src_syn.pdbx_end_seq_num       ? 
_pdbx_entity_src_syn.organism_scientific    ? 
_pdbx_entity_src_syn.organism_common_name   ? 
_pdbx_entity_src_syn.ncbi_taxonomy_id       ? 
_pdbx_entity_src_syn.details                'bovine rhodopsin' 
# 
loop_
_chem_comp.id 
_chem_comp.type 
_chem_comp.mon_nstd_flag 
_chem_comp.name 
_chem_comp.pdbx_synonyms 
_chem_comp.formula 
_chem_comp.formula_weight 
ALA 'L-peptide linking' y ALANINE         ? 'C3 H7 N O2'     89.093  
ASP 'L-peptide linking' y 'ASPARTIC ACID' ? 'C4 H7 N O4'     133.103 
GLN 'L-peptide linking' y GLUTAMINE       ? 'C5 H10 N2 O3'   146.144 
GLY 'peptide linking'   y GLYCINE         ? 'C2 H5 N O2'     75.067  
HIS 'L-peptide linking' y HISTIDINE       ? 'C6 H10 N3 O2 1' 156.162 
ILE 'L-peptide linking' y ISOLEUCINE      ? 'C6 H13 N O2'    131.173 
MET 'L-peptide linking' y METHIONINE      ? 'C5 H11 N O2 S'  149.211 
PHE 'L-peptide linking' y PHENYLALANINE   ? 'C9 H11 N O2'    165.189 
PRO 'L-peptide linking' y PROLINE         ? 'C5 H9 N O2'     115.130 
SER 'L-peptide linking' y SERINE          ? 'C3 H7 N O3'     105.093 
THR 'L-peptide linking' y THREONINE       ? 'C4 H9 N O3'     119.119 
TYR 'L-peptide linking' y TYROSINE        ? 'C9 H11 N O3'    181.189 
VAL 'L-peptide linking' y VALINE          ? 'C5 H11 N O2'    117.146 
# 
loop_
_pdbx_poly_seq_scheme.asym_id 
_pdbx_poly_seq_scheme.entity_id 
_pdbx_poly_seq_scheme.seq_id 
_pdbx_poly_seq_scheme.mon_id 
_pdbx_poly_seq_scheme.ndb_seq_num 
_pdbx_poly_seq_scheme.pdb_seq_num 
_pdbx_poly_seq_scheme.auth_seq_num 
_pdbx_poly_seq_scheme.pdb_mon_id 
_pdbx_poly_seq_scheme.auth_mon_id 
_pdbx_poly_seq_scheme.pdb_strand_id 
_pdbx_poly_seq_scheme.pdb_ins_code 
_pdbx_poly_seq_scheme.hetero 
A 1 1  TYR 1  1  1  TYR TYR A . n 
A 1 2  ALA 2  2  2  ALA ALA A . n 
A 1 3  GLY 3  3  3  GLY GLY A . n 
A 1 4  VAL 4  4  4  VAL VAL A . n 
A 1 5  ALA 5  5  5  ALA ALA A . n 
A 1 6  PHE 6  6  6  PHE PHE A . n 
A 1 7  TYR 7  7  7  TYR TYR A . n 
A 1 8  ILE 8  8  8  ILE ILE A . n 
A 1 9  PHE 9  9  9  PHE PHE A . n 
A 1 10 THR 10 10 10 THR THR A . n 
A 1 11 HIS 11 11 11 HIS HIS A . n 
A 1 12 GLN 12 12 12 GLN GLN A . n 
A 1 13 GLY 13 13 13 GLY GLY A . n 
A 1 14 SER 14 14 14 SER SER A . n 
A 1 15 ASP 15 15 15 ASP ASP A . n 
A 1 16 PHE 16 16 16 PHE PHE A . n 
A 1 17 GLY 17 17 17 GLY GLY A . n 
A 1 18 PRO 18 18 18 PRO PRO A . n 
A 1 19 ILE 19 19 19 ILE ILE A . n 
A 1 20 PHE 20 20 20 PHE PHE A . n 
A 1 21 MET 21 21 21 MET MET A . n 
A 1 22 THR 22 22 22 THR THR A . n 
A 1 23 ILE 23 23 23 ILE ILE A . n 
A 1 24 PRO 24 24 24 PRO PRO A . n 
A 1 25 ALA 25 25 25 ALA ALA A . n 
A 1 26 PHE 26 26 26 PHE PHE A . n 
# 
_cell.entry_id           1EDW 
_cell.length_a           1.000 
_cell.length_b           1.000 
_cell.length_c           1.000 
_cell.angle_alpha        90.00 
_cell.angle_beta         90.00 
_cell.angle_gamma        90.00 
_cell.Z_PDB              1 
_cell.pdbx_unique_axis   ? 
# 
_symmetry.entry_id                         1EDW 
_symmetry.space_group_name_H-M             'P 1' 
_symmetry.pdbx_full_space_group_name_H-M   ? 
_symmetry.cell_setting                     ? 
_symmetry.Int_Tables_number                1 
# 
_exptl.entry_id          1EDW 
_exptl.method            'SOLUTION NMR' 
_exptl.crystals_number   ? 
# 
_struct.entry_id                  1EDW 
_struct.title                     'SOLUTION STRUCTURE OF THIRD INTRADISKAL LOOP OF BOVINE RHODOPSIN (RESIDUES 268-293)' 
_struct.pdbx_model_details        ? 
_struct.pdbx_CASP_flag            ? 
_struct.pdbx_model_type_details   'minimized average' 
# 
_struct_keywords.entry_id        1EDW 
_struct_keywords.pdbx_keywords   'Ion Transport' 
_struct_keywords.text            'helix-turn-helix, Ion Transport' 
# 
_struct_asym.id                            A 
_struct_asym.pdbx_blank_PDB_chainid_flag   N 
_struct_asym.pdbx_modified                 N 
_struct_asym.entity_id                     1 
_struct_asym.details                       ? 
# 
_struct_ref.id                         1 
_struct_ref.db_name                    UNP 
_struct_ref.db_code                    OPSD_BOVIN 
_struct_ref.entity_id                  1 
_struct_ref.pdbx_db_accession          P02699 
_struct_ref.pdbx_align_begin           268 
_struct_ref.pdbx_seq_one_letter_code   YAGVAFYIFTHQGSDFGPIFMTIPAF 
_struct_ref.pdbx_db_isoform            ? 
# 
_struct_ref_seq.align_id                      1 
_struct_ref_seq.ref_id                        1 
_struct_ref_seq.pdbx_PDB_id_code              1EDW 
_struct_ref_seq.pdbx_strand_id                A 
_struct_ref_seq.seq_align_beg                 1 
_struct_ref_seq.pdbx_seq_align_beg_ins_code   ? 
_struct_ref_seq.seq_align_end                 26 
_struct_ref_seq.pdbx_seq_align_end_ins_code   ? 
_struct_ref_seq.pdbx_db_accession             P02699 
_struct_ref_seq.db_align_beg                  268 
_struct_ref_seq.pdbx_db_align_beg_ins_code    ? 
_struct_ref_seq.db_align_end                  293 
_struct_ref_seq.pdbx_db_align_end_ins_code    ? 
_struct_ref_seq.pdbx_auth_seq_align_beg       1 
_struct_ref_seq.pdbx_auth_seq_align_end       26 
# 
_pdbx_struct_assembly.id                   1 
_pdbx_struct_assembly.details              author_defined_assembly 
_pdbx_struct_assembly.method_details       ? 
_pdbx_struct_assembly.oligomeric_details   monomeric 
_pdbx_struct_assembly.oligomeric_count     1 
# 
_pdbx_struct_assembly_gen.assembly_id       1 
_pdbx_struct_assembly_gen.oper_expression   1 
_pdbx_struct_assembly_gen.asym_id_list      A 
# 
_pdbx_struct_oper_list.id                   1 
_pdbx_struct_oper_list.type                 'identity operation' 
_pdbx_struct_oper_list.name                 1_555 
_pdbx_struct_oper_list.symmetry_operation   x,y,z 
_pdbx_struct_oper_list.matrix[1][1]         1.0000000000 
_pdbx_struct_oper_list.matrix[1][2]         0.0000000000 
_pdbx_struct_oper_list.matrix[1][3]         0.0000000000 
_pdbx_struct_oper_list.vector[1]            0.0000000000 
_pdbx_struct_oper_list.matrix[2][1]         0.0000000000 
_pdbx_struct_oper_list.matrix[2][2]         1.0000000000 
_pdbx_struct_oper_list.matrix[2][3]         0.0000000000 
_pdbx_struct_oper_list.vector[2]            0.0000000000 
_pdbx_struct_oper_list.matrix[3][1]         0.0000000000 
_pdbx_struct_oper_list.matrix[3][2]         0.0000000000 
_pdbx_struct_oper_list.matrix[3][3]         1.0000000000 
_pdbx_struct_oper_list.vector[3]            0.0000000000 
# 
_struct_biol.id   1 
# 
_struct_conf.conf_type_id            HELX_P 
_struct_conf.id                      HELX_P1 
_struct_conf.pdbx_PDB_helix_id       1 
_struct_conf.beg_label_comp_id       ILE 
_struct_conf.beg_label_asym_id       A 
_struct_conf.beg_label_seq_id        8 
_struct_conf.pdbx_beg_PDB_ins_code   ? 
_struct_conf.end_label_comp_id       GLN 
_struct_conf.end_label_asym_id       A 
_struct_conf.end_label_seq_id        12 
_struct_conf.pdbx_end_PDB_ins_code   ? 
_struct_conf.beg_auth_comp_id        ILE 
_struct_conf.beg_auth_asym_id        A 
_struct_conf.beg_auth_seq_id         8 
_struct_conf.end_auth_comp_id        GLN 
_struct_conf.end_auth_asym_id        A 
_struct_conf.end_auth_seq_id         12 
_struct_conf.pdbx_PDB_helix_class    5 
_struct_conf.details                 ? 
_struct_conf.pdbx_PDB_helix_length   5 
# 
_struct_conf_type.id          HELX_P 
_struct_conf_type.criteria    ? 
_struct_conf_type.reference   ? 
# 
loop_
_pdbx_validate_torsion.id 
_pdbx_validate_torsion.PDB_model_num 
_pdbx_validate_torsion.auth_comp_id 
_pdbx_validate_torsion.auth_asym_id 
_pdbx_validate_torsion.auth_seq_id 
_pdbx_validate_torsion.PDB_ins_code 
_pdbx_validate_torsion.label_alt_id 
_pdbx_validate_torsion.phi 
_pdbx_validate_torsion.psi 
1 1 ALA A 2  ? ? 58.06   -105.56 
2 1 ILE A 8  ? ? -83.92  -153.74 
3 1 THR A 10 ? ? 34.04   43.00   
4 1 HIS A 11 ? ? 54.87   17.14   
5 1 GLN A 12 ? ? -114.40 -166.92 
6 1 ASP A 15 ? ? -154.76 -71.32  
7 1 ILE A 19 ? ? 64.25   -58.62  
8 1 THR A 22 ? ? -134.68 -56.64  
# 
_pdbx_nmr_ensemble.entry_id                                      1EDW 
_pdbx_nmr_ensemble.conformers_calculated_total_number            150 
_pdbx_nmr_ensemble.conformers_submitted_total_number             1 
_pdbx_nmr_ensemble.conformer_selection_criteria                  'target function' 
_pdbx_nmr_ensemble.average_constraints_per_residue               ? 
_pdbx_nmr_ensemble.average_constraint_violations_per_residue     ? 
_pdbx_nmr_ensemble.maximum_distance_constraint_violation         ? 
_pdbx_nmr_ensemble.average_distance_constraint_violation         ? 
_pdbx_nmr_ensemble.maximum_upper_distance_constraint_violation   ? 
_pdbx_nmr_ensemble.maximum_lower_distance_constraint_violation   ? 
_pdbx_nmr_ensemble.distance_constraint_violation_method          ? 
_pdbx_nmr_ensemble.maximum_torsion_angle_constraint_violation    ? 
_pdbx_nmr_ensemble.average_torsion_angle_constraint_violation    ? 
_pdbx_nmr_ensemble.torsion_angle_constraint_violation_method     ? 
# 
_pdbx_nmr_representative.entry_id             1EDW 
_pdbx_nmr_representative.conformer_id         1 
_pdbx_nmr_representative.selection_criteria   'minimized average structure' 
# 
_pdbx_nmr_sample_details.solution_id      1 
_pdbx_nmr_sample_details.contents         '2 mM peptide' 
_pdbx_nmr_sample_details.solvent_system   DMSO 
# 
_pdbx_nmr_exptl_sample_conditions.conditions_id       1 
_pdbx_nmr_exptl_sample_conditions.temperature         303 
_pdbx_nmr_exptl_sample_conditions.pressure            1 
_pdbx_nmr_exptl_sample_conditions.pH                  ? 
_pdbx_nmr_exptl_sample_conditions.ionic_strength      ? 
_pdbx_nmr_exptl_sample_conditions.pressure_units      atm 
_pdbx_nmr_exptl_sample_conditions.temperature_units   K 
# 
loop_
_pdbx_nmr_exptl.experiment_id 
_pdbx_nmr_exptl.solution_id 
_pdbx_nmr_exptl.conditions_id 
_pdbx_nmr_exptl.type 
1 1 1 '2D NOESY' 
2 1 1 DQF-COSY   
# 
_pdbx_nmr_refine.entry_id           1EDW 
_pdbx_nmr_refine.method             'distance geometry' 
_pdbx_nmr_refine.details            ? 
_pdbx_nmr_refine.software_ordinal   1 
# 
loop_
_pdbx_nmr_software.name 
_pdbx_nmr_software.version 
_pdbx_nmr_software.classification 
_pdbx_nmr_software.authors 
_pdbx_nmr_software.ordinal 
Felix ? 'data analysis'      ? 1 
DIANA ? 'structure solution' ? 2 
DIANA ? refinement           ? 3 
# 
loop_
_chem_comp_atom.comp_id 
_chem_comp_atom.atom_id 
_chem_comp_atom.type_symbol 
_chem_comp_atom.pdbx_aromatic_flag 
_chem_comp_atom.pdbx_stereo_config 
_chem_comp_atom.pdbx_ordinal 
ALA N    N N N 1   
ALA CA   C N S 2   
ALA C    C N N 3   
ALA O    O N N 4   
ALA CB   C N N 5   
ALA OXT  O N N 6   
ALA H    H N N 7   
ALA H2   H N N 8   
ALA HA   H N N 9   
ALA HB1  H N N 10  
ALA HB2  H N N 11  
ALA HB3  H N N 12  
ALA HXT  H N N 13  
ASP N    N N N 14  
ASP CA   C N S 15  
ASP C    C N N 16  
ASP O    O N N 17  
ASP CB   C N N 18  
ASP CG   C N N 19  
ASP OD1  O N N 20  
ASP OD2  O N N 21  
ASP OXT  O N N 22  
ASP H    H N N 23  
ASP H2   H N N 24  
ASP HA   H N N 25  
ASP HB2  H N N 26  
ASP HB3  H N N 27  
ASP HD2  H N N 28  
ASP HXT  H N N 29  
GLN N    N N N 30  
GLN CA   C N S 31  
GLN C    C N N 32  
GLN O    O N N 33  
GLN CB   C N N 34  
GLN CG   C N N 35  
GLN CD   C N N 36  
GLN OE1  O N N 37  
GLN NE2  N N N 38  
GLN OXT  O N N 39  
GLN H    H N N 40  
GLN H2   H N N 41  
GLN HA   H N N 42  
GLN HB2  H N N 43  
GLN HB3  H N N 44  
GLN HG2  H N N 45  
GLN HG3  H N N 46  
GLN HE21 H N N 47  
GLN HE22 H N N 48  
GLN HXT  H N N 49  
GLY N    N N N 50  
GLY CA   C N N 51  
GLY C    C N N 52  
GLY O    O N N 53  
GLY OXT  O N N 54  
GLY H    H N N 55  
GLY H2   H N N 56  
GLY HA2  H N N 57  
GLY HA3  H N N 58  
GLY HXT  H N N 59  
HIS N    N N N 60  
HIS CA   C N S 61  
HIS C    C N N 62  
HIS O    O N N 63  
HIS CB   C N N 64  
HIS CG   C Y N 65  
HIS ND1  N Y N 66  
HIS CD2  C Y N 67  
HIS CE1  C Y N 68  
HIS NE2  N Y N 69  
HIS OXT  O N N 70  
HIS H    H N N 71  
HIS H2   H N N 72  
HIS HA   H N N 73  
HIS HB2  H N N 74  
HIS HB3  H N N 75  
HIS HD1  H N N 76  
HIS HD2  H N N 77  
HIS HE1  H N N 78  
HIS HE2  H N N 79  
HIS HXT  H N N 80  
ILE N    N N N 81  
ILE CA   C N S 82  
ILE C    C N N 83  
ILE O    O N N 84  
ILE CB   C N S 85  
ILE CG1  C N N 86  
ILE CG2  C N N 87  
ILE CD1  C N N 88  
ILE OXT  O N N 89  
ILE H    H N N 90  
ILE H2   H N N 91  
ILE HA   H N N 92  
ILE HB   H N N 93  
ILE HG12 H N N 94  
ILE HG13 H N N 95  
ILE HG21 H N N 96  
ILE HG22 H N N 97  
ILE HG23 H N N 98  
ILE HD11 H N N 99  
ILE HD12 H N N 100 
ILE HD13 H N N 101 
ILE HXT  H N N 102 
MET N    N N N 103 
MET CA   C N S 104 
MET C    C N N 105 
MET O    O N N 106 
MET CB   C N N 107 
MET CG   C N N 108 
MET SD   S N N 109 
MET CE   C N N 110 
MET OXT  O N N 111 
MET H    H N N 112 
MET H2   H N N 113 
MET HA   H N N 114 
MET HB2  H N N 115 
MET HB3  H N N 116 
MET HG2  H N N 117 
MET HG3  H N N 118 
MET HE1  H N N 119 
MET HE2  H N N 120 
MET HE3  H N N 121 
MET HXT  H N N 122 
PHE N    N N N 123 
PHE CA   C N S 124 
PHE C    C N N 125 
PHE O    O N N 126 
PHE CB   C N N 127 
PHE CG   C Y N 128 
PHE CD1  C Y N 129 
PHE CD2  C Y N 130 
PHE CE1  C Y N 131 
PHE CE2  C Y N 132 
PHE CZ   C Y N 133 
PHE OXT  O N N 134 
PHE H    H N N 135 
PHE H2   H N N 136 
PHE HA   H N N 137 
PHE HB2  H N N 138 
PHE HB3  H N N 139 
PHE HD1  H N N 140 
PHE HD2  H N N 141 
PHE HE1  H N N 142 
PHE HE2  H N N 143 
PHE HZ   H N N 144 
PHE HXT  H N N 145 
PRO N    N N N 146 
PRO CA   C N S 147 
PRO C    C N N 148 
PRO O    O N N 149 
PRO CB   C N N 150 
PRO CG   C N N 151 
PRO CD   C N N 152 
PRO OXT  O N N 153 
PRO H    H N N 154 
PRO HA   H N N 155 
PRO HB2  H N N 156 
PRO HB3  H N N 157 
PRO HG2  H N N 158 
PRO HG3  H N N 159 
PRO HD2  H N N 160 
PRO HD3  H N N 161 
PRO HXT  H N N 162 
SER N    N N N 163 
SER CA   C N S 164 
SER C    C N N 165 
SER O    O N N 166 
SER CB   C N N 167 
SER OG   O N N 168 
SER OXT  O N N 169 
SER H    H N N 170 
SER H2   H N N 171 
SER HA   H N N 172 
SER HB2  H N N 173 
SER HB3  H N N 174 
SER HG   H N N 175 
SER HXT  H N N 176 
THR N    N N N 177 
THR CA   C N S 178 
THR C    C N N 179 
THR O    O N N 180 
THR CB   C N R 181 
THR OG1  O N N 182 
THR CG2  C N N 183 
THR OXT  O N N 184 
THR H    H N N 185 
THR H2   H N N 186 
THR HA   H N N 187 
THR HB   H N N 188 
THR HG1  H N N 189 
THR HG21 H N N 190 
THR HG22 H N N 191 
THR HG23 H N N 192 
THR HXT  H N N 193 
TYR N    N N N 194 
TYR CA   C N S 195 
TYR C    C N N 196 
TYR O    O N N 197 
TYR CB   C N N 198 
TYR CG   C Y N 199 
TYR CD1  C Y N 200 
TYR CD2  C Y N 201 
TYR CE1  C Y N 202 
TYR CE2  C Y N 203 
TYR CZ   C Y N 204 
TYR OH   O N N 205 
TYR OXT  O N N 206 
TYR H    H N N 207 
TYR H2   H N N 208 
TYR HA   H N N 209 
TYR HB2  H N N 210 
TYR HB3  H N N 211 
TYR HD1  H N N 212 
TYR HD2  H N N 213 
TYR HE1  H N N 214 
TYR HE2  H N N 215 
TYR HH   H N N 216 
TYR HXT  H N N 217 
VAL N    N N N 218 
VAL CA   C N S 219 
VAL C    C N N 220 
VAL O    O N N 221 
VAL CB   C N N 222 
VAL CG1  C N N 223 
VAL CG2  C N N 224 
VAL OXT  O N N 225 
VAL H    H N N 226 
VAL H2   H N N 227 
VAL HA   H N N 228 
VAL HB   H N N 229 
VAL HG11 H N N 230 
VAL HG12 H N N 231 
VAL HG13 H N N 232 
VAL HG21 H N N 233 
VAL HG22 H N N 234 
VAL HG23 H N N 235 
VAL HXT  H N N 236 
# 
loop_
_chem_comp_bond.comp_id 
_chem_comp_bond.atom_id_1 
_chem_comp_bond.atom_id_2 
_chem_comp_bond.value_order 
_chem_comp_bond.pdbx_aromatic_flag 
_chem_comp_bond.pdbx_stereo_config 
_chem_comp_bond.pdbx_ordinal 
ALA N   CA   sing N N 1   
ALA N   H    sing N N 2   
ALA N   H2   sing N N 3   
ALA CA  C    sing N N 4   
ALA CA  CB   sing N N 5   
ALA CA  HA   sing N N 6   
ALA C   O    doub N N 7   
ALA C   OXT  sing N N 8   
ALA CB  HB1  sing N N 9   
ALA CB  HB2  sing N N 10  
ALA CB  HB3  sing N N 11  
ALA OXT HXT  sing N N 12  
ASP N   CA   sing N N 13  
ASP N   H    sing N N 14  
ASP N   H2   sing N N 15  
ASP CA  C    sing N N 16  
ASP CA  CB   sing N N 17  
ASP CA  HA   sing N N 18  
ASP C   O    doub N N 19  
ASP C   OXT  sing N N 20  
ASP CB  CG   sing N N 21  
ASP CB  HB2  sing N N 22  
ASP CB  HB3  sing N N 23  
ASP CG  OD1  doub N N 24  
ASP CG  OD2  sing N N 25  
ASP OD2 HD2  sing N N 26  
ASP OXT HXT  sing N N 27  
GLN N   CA   sing N N 28  
GLN N   H    sing N N 29  
GLN N   H2   sing N N 30  
GLN CA  C    sing N N 31  
GLN CA  CB   sing N N 32  
GLN CA  HA   sing N N 33  
GLN C   O    doub N N 34  
GLN C   OXT  sing N N 35  
GLN CB  CG   sing N N 36  
GLN CB  HB2  sing N N 37  
GLN CB  HB3  sing N N 38  
GLN CG  CD   sing N N 39  
GLN CG  HG2  sing N N 40  
GLN CG  HG3  sing N N 41  
GLN CD  OE1  doub N N 42  
GLN CD  NE2  sing N N 43  
GLN NE2 HE21 sing N N 44  
GLN NE2 HE22 sing N N 45  
GLN OXT HXT  sing N N 46  
GLY N   CA   sing N N 47  
GLY N   H    sing N N 48  
GLY N   H2   sing N N 49  
GLY CA  C    sing N N 50  
GLY CA  HA2  sing N N 51  
GLY CA  HA3  sing N N 52  
GLY C   O    doub N N 53  
GLY C   OXT  sing N N 54  
GLY OXT HXT  sing N N 55  
HIS N   CA   sing N N 56  
HIS N   H    sing N N 57  
HIS N   H2   sing N N 58  
HIS CA  C    sing N N 59  
HIS CA  CB   sing N N 60  
HIS CA  HA   sing N N 61  
HIS C   O    doub N N 62  
HIS C   OXT  sing N N 63  
HIS CB  CG   sing N N 64  
HIS CB  HB2  sing N N 65  
HIS CB  HB3  sing N N 66  
HIS CG  ND1  sing Y N 67  
HIS CG  CD2  doub Y N 68  
HIS ND1 CE1  doub Y N 69  
HIS ND1 HD1  sing N N 70  
HIS CD2 NE2  sing Y N 71  
HIS CD2 HD2  sing N N 72  
HIS CE1 NE2  sing Y N 73  
HIS CE1 HE1  sing N N 74  
HIS NE2 HE2  sing N N 75  
HIS OXT HXT  sing N N 76  
ILE N   CA   sing N N 77  
ILE N   H    sing N N 78  
ILE N   H2   sing N N 79  
ILE CA  C    sing N N 80  
ILE CA  CB   sing N N 81  
ILE CA  HA   sing N N 82  
ILE C   O    doub N N 83  
ILE C   OXT  sing N N 84  
ILE CB  CG1  sing N N 85  
ILE CB  CG2  sing N N 86  
ILE CB  HB   sing N N 87  
ILE CG1 CD1  sing N N 88  
ILE CG1 HG12 sing N N 89  
ILE CG1 HG13 sing N N 90  
ILE CG2 HG21 sing N N 91  
ILE CG2 HG22 sing N N 92  
ILE CG2 HG23 sing N N 93  
ILE CD1 HD11 sing N N 94  
ILE CD1 HD12 sing N N 95  
ILE CD1 HD13 sing N N 96  
ILE OXT HXT  sing N N 97  
MET N   CA   sing N N 98  
MET N   H    sing N N 99  
MET N   H2   sing N N 100 
MET CA  C    sing N N 101 
MET CA  CB   sing N N 102 
MET CA  HA   sing N N 103 
MET C   O    doub N N 104 
MET C   OXT  sing N N 105 
MET CB  CG   sing N N 106 
MET CB  HB2  sing N N 107 
MET CB  HB3  sing N N 108 
MET CG  SD   sing N N 109 
MET CG  HG2  sing N N 110 
MET CG  HG3  sing N N 111 
MET SD  CE   sing N N 112 
MET CE  HE1  sing N N 113 
MET CE  HE2  sing N N 114 
MET CE  HE3  sing N N 115 
MET OXT HXT  sing N N 116 
PHE N   CA   sing N N 117 
PHE N   H    sing N N 118 
PHE N   H2   sing N N 119 
PHE CA  C    sing N N 120 
PHE CA  CB   sing N N 121 
PHE CA  HA   sing N N 122 
PHE C   O    doub N N 123 
PHE C   OXT  sing N N 124 
PHE CB  CG   sing N N 125 
PHE CB  HB2  sing N N 126 
PHE CB  HB3  sing N N 127 
PHE CG  CD1  doub Y N 128 
PHE CG  CD2  sing Y N 129 
PHE CD1 CE1  sing Y N 130 
PHE CD1 HD1  sing N N 131 
PHE CD2 CE2  doub Y N 132 
PHE CD2 HD2  sing N N 133 
PHE CE1 CZ   doub Y N 134 
PHE CE1 HE1  sing N N 135 
PHE CE2 CZ   sing Y N 136 
PHE CE2 HE2  sing N N 137 
PHE CZ  HZ   sing N N 138 
PHE OXT HXT  sing N N 139 
PRO N   CA   sing N N 140 
PRO N   CD   sing N N 141 
PRO N   H    sing N N 142 
PRO CA  C    sing N N 143 
PRO CA  CB   sing N N 144 
PRO CA  HA   sing N N 145 
PRO C   O    doub N N 146 
PRO C   OXT  sing N N 147 
PRO CB  CG   sing N N 148 
PRO CB  HB2  sing N N 149 
PRO CB  HB3  sing N N 150 
PRO CG  CD   sing N N 151 
PRO CG  HG2  sing N N 152 
PRO CG  HG3  sing N N 153 
PRO CD  HD2  sing N N 154 
PRO CD  HD3  sing N N 155 
PRO OXT HXT  sing N N 156 
SER N   CA   sing N N 157 
SER N   H    sing N N 158 
SER N   H2   sing N N 159 
SER CA  C    sing N N 160 
SER CA  CB   sing N N 161 
SER CA  HA   sing N N 162 
SER C   O    doub N N 163 
SER C   OXT  sing N N 164 
SER CB  OG   sing N N 165 
SER CB  HB2  sing N N 166 
SER CB  HB3  sing N N 167 
SER OG  HG   sing N N 168 
SER OXT HXT  sing N N 169 
THR N   CA   sing N N 170 
THR N   H    sing N N 171 
THR N   H2   sing N N 172 
THR CA  C    sing N N 173 
THR CA  CB   sing N N 174 
THR CA  HA   sing N N 175 
THR C   O    doub N N 176 
THR C   OXT  sing N N 177 
THR CB  OG1  sing N N 178 
THR CB  CG2  sing N N 179 
THR CB  HB   sing N N 180 
THR OG1 HG1  sing N N 181 
THR CG2 HG21 sing N N 182 
THR CG2 HG22 sing N N 183 
THR CG2 HG23 sing N N 184 
THR OXT HXT  sing N N 185 
TYR N   CA   sing N N 186 
TYR N   H    sing N N 187 
TYR N   H2   sing N N 188 
TYR CA  C    sing N N 189 
TYR CA  CB   sing N N 190 
TYR CA  HA   sing N N 191 
TYR C   O    doub N N 192 
TYR C   OXT  sing N N 193 
TYR CB  CG   sing N N 194 
TYR CB  HB2  sing N N 195 
TYR CB  HB3  sing N N 196 
TYR CG  CD1  doub Y N 197 
TYR CG  CD2  sing Y N 198 
TYR CD1 CE1  sing Y N 199 
TYR CD1 HD1  sing N N 200 
TYR CD2 CE2  doub Y N 201 
TYR CD2 HD2  sing N N 202 
TYR CE1 CZ   doub Y N 203 
TYR CE1 HE1  sing N N 204 
TYR CE2 CZ   sing Y N 205 
TYR CE2 HE2  sing N N 206 
TYR CZ  OH   sing N N 207 
TYR OH  HH   sing N N 208 
TYR OXT HXT  sing N N 209 
VAL N   CA   sing N N 210 
VAL N   H    sing N N 211 
VAL N   H2   sing N N 212 
VAL CA  C    sing N N 213 
VAL CA  CB   sing N N 214 
VAL CA  HA   sing N N 215 
VAL C   O    doub N N 216 
VAL C   OXT  sing N N 217 
VAL CB  CG1  sing N N 218 
VAL CB  CG2  sing N N 219 
VAL CB  HB   sing N N 220 
VAL CG1 HG11 sing N N 221 
VAL CG1 HG12 sing N N 222 
VAL CG1 HG13 sing N N 223 
VAL CG2 HG21 sing N N 224 
VAL CG2 HG22 sing N N 225 
VAL CG2 HG23 sing N N 226 
VAL OXT HXT  sing N N 227 
# 
_pdbx_nmr_spectrometer.spectrometer_id   1 
_pdbx_nmr_spectrometer.type              ? 
_pdbx_nmr_spectrometer.manufacturer      Bruker 
_pdbx_nmr_spectrometer.model             AMX 
_pdbx_nmr_spectrometer.field_strength    600 
# 
_atom_sites.entry_id                    1EDW 
_atom_sites.fract_transf_matrix[1][1]   1.000000 
_atom_sites.fract_transf_matrix[1][2]   0.000000 
_atom_sites.fract_transf_matrix[1][3]   0.000000 
_atom_sites.fract_transf_matrix[2][1]   0.000000 
_atom_sites.fract_transf_matrix[2][2]   1.000000 
_atom_sites.fract_transf_matrix[2][3]   0.000000 
_atom_sites.fract_transf_matrix[3][1]   0.000000 
_atom_sites.fract_transf_matrix[3][2]   0.000000 
_atom_sites.fract_transf_matrix[3][3]   1.000000 
_atom_sites.fract_transf_vector[1]      0.00000 
_atom_sites.fract_transf_vector[2]      0.00000 
_atom_sites.fract_transf_vector[3]      0.00000 
# 
loop_
_atom_type.symbol 
C 
H 
N 
O 
S 
# 
loop_
_atom_site.group_PDB 
_atom_site.id 
_atom_site.type_symbol 
_atom_site.label_atom_id 
_atom_site.label_alt_id 
_atom_site.label_comp_id 
_atom_site.label_asym_id 
_atom_site.label_entity_id 
_atom_site.label_seq_id 
_atom_site.pdbx_PDB_ins_code 
_atom_site.Cartn_x 
_atom_site.Cartn_y 
_atom_site.Cartn_z 
_atom_site.occupancy 
_atom_site.B_iso_or_equiv 
_atom_site.pdbx_formal_charge 
_atom_site.auth_seq_id 
_atom_site.auth_comp_id 
_atom_site.auth_asym_id 
_atom_site.auth_atom_id 
_atom_site.pdbx_PDB_model_num 
ATOM 1   N N    . TYR A 1 1  ? -5.308 7.293   -1.596 1.00 -0.26 ? 1  TYR A N    1 
ATOM 2   C CA   . TYR A 1 1  ? -4.837 8.586   -1.069 1.00 0.04  ? 1  TYR A CA   1 
ATOM 3   C C    . TYR A 1 1  ? -5.462 8.801   0.312  1.00 0.62  ? 1  TYR A C    1 
ATOM 4   O O    . TYR A 1 1  ? -6.165 7.907   0.786  1.00 -0.50 ? 1  TYR A O    1 
ATOM 5   C CB   . TYR A 1 1  ? -5.137 9.728   -2.055 1.00 -0.10 ? 1  TYR A CB   1 
ATOM 6   C CG   . TYR A 1 1  ? -4.288 10.971  -1.849 1.00 -0.03 ? 1  TYR A CG   1 
ATOM 7   C CD1  . TYR A 1 1  ? -2.895 10.907  -2.055 1.00 0.00  ? 1  TYR A CD1  1 
ATOM 8   C CD2  . TYR A 1 1  ? -4.872 12.173  -1.405 1.00 0.00  ? 1  TYR A CD2  1 
ATOM 9   C CE1  . TYR A 1 1  ? -2.088 12.024  -1.781 1.00 -0.26 ? 1  TYR A CE1  1 
ATOM 10  C CE2  . TYR A 1 1  ? -4.061 13.288  -1.129 1.00 -0.26 ? 1  TYR A CE2  1 
ATOM 11  C CZ   . TYR A 1 1  ? -2.671 13.216  -1.318 1.00 0.46  ? 1  TYR A CZ   1 
ATOM 12  O OH   . TYR A 1 1  ? -1.894 14.299  -1.038 1.00 -0.53 ? 1  TYR A OH   1 
ATOM 13  H H1   . TYR A 1 1  ? -6.295 7.206   -1.392 1.00 0.31  ? 1  TYR A H1   1 
ATOM 14  H H2   . TYR A 1 1  ? -5.112 7.188   -2.579 1.00 0.31  ? 1  TYR A H2   1 
ATOM 15  H H3   . TYR A 1 1  ? -4.816 6.574   -1.070 1.00 0.31  ? 1  TYR A H3   1 
ATOM 16  H HA   . TYR A 1 1  ? -3.756 8.505   -0.950 1.00 0.05  ? 1  TYR A HA   1 
ATOM 17  H HB2  . TYR A 1 1  ? -4.932 9.380   -3.068 1.00 0.04  ? 1  TYR A HB2  1 
ATOM 18  H HB3  . TYR A 1 1  ? -6.198 9.982   -2.001 1.00 0.04  ? 1  TYR A HB3  1 
ATOM 19  H HD1  . TYR A 1 1  ? -2.439 9.998   -2.418 1.00 0.06  ? 1  TYR A HD1  1 
ATOM 20  H HD2  . TYR A 1 1  ? -5.939 12.242  -1.256 1.00 0.06  ? 1  TYR A HD2  1 
ATOM 21  H HE1  . TYR A 1 1  ? -1.020 11.960  -1.935 1.00 0.10  ? 1  TYR A HE1  1 
ATOM 22  H HE2  . TYR A 1 1  ? -4.506 14.207  -0.775 1.00 0.10  ? 1  TYR A HE2  1 
ATOM 23  H HH   . TYR A 1 1  ? -0.963 14.158  -1.216 1.00 0.33  ? 1  TYR A HH   1 
ATOM 24  N N    . ALA A 1 2  ? -5.228 9.961   0.933  1.00 -0.46 ? 2  ALA A N    1 
ATOM 25  C CA   . ALA A 1 2  ? -5.741 10.326  2.247  1.00 0.04  ? 2  ALA A CA   1 
ATOM 26  C C    . ALA A 1 2  ? -5.285 9.307   3.296  1.00 0.62  ? 2  ALA A C    1 
ATOM 27  O O    . ALA A 1 2  ? -4.114 9.301   3.661  1.00 -0.50 ? 2  ALA A O    1 
ATOM 28  C CB   . ALA A 1 2  ? -7.260 10.554  2.197  1.00 -0.10 ? 2  ALA A CB   1 
ATOM 29  H H    . ALA A 1 2  ? -4.611 10.627  0.493  1.00 0.25  ? 2  ALA A H    1 
ATOM 30  H HA   . ALA A 1 2  ? -5.284 11.279  2.517  1.00 0.05  ? 2  ALA A HA   1 
ATOM 31  H HB1  . ALA A 1 2  ? -7.619 10.850  3.183  1.00 0.04  ? 2  ALA A HB1  1 
ATOM 32  H HB2  . ALA A 1 2  ? -7.479 11.358  1.492  1.00 0.04  ? 2  ALA A HB2  1 
ATOM 33  H HB3  . ALA A 1 2  ? -7.789 9.658   1.875  1.00 0.04  ? 2  ALA A HB3  1 
ATOM 34  N N    . GLY A 1 3  ? -6.177 8.430   3.765  1.00 -0.46 ? 3  GLY A N    1 
ATOM 35  C CA   . GLY A 1 3  ? -5.788 7.345   4.652  1.00 0.04  ? 3  GLY A CA   1 
ATOM 36  C C    . GLY A 1 3  ? -4.867 6.374   3.915  1.00 0.62  ? 3  GLY A C    1 
ATOM 37  O O    . GLY A 1 3  ? -3.788 6.026   4.391  1.00 -0.50 ? 3  GLY A O    1 
ATOM 38  H H    . GLY A 1 3  ? -7.124 8.456   3.421  1.00 0.25  ? 3  GLY A H    1 
ATOM 39  H HA2  . GLY A 1 3  ? -5.278 7.745   5.530  1.00 0.03  ? 3  GLY A HA2  1 
ATOM 40  H HA3  . GLY A 1 3  ? -6.680 6.811   4.979  1.00 0.03  ? 3  GLY A HA3  1 
ATOM 41  N N    . VAL A 1 4  ? -5.285 5.953   2.719  1.00 -0.46 ? 4  VAL A N    1 
ATOM 42  C CA   . VAL A 1 4  ? -4.535 5.015   1.898  1.00 0.04  ? 4  VAL A CA   1 
ATOM 43  C C    . VAL A 1 4  ? -3.482 5.825   1.137  1.00 0.62  ? 4  VAL A C    1 
ATOM 44  O O    . VAL A 1 4  ? -3.572 5.982   -0.082 1.00 -0.50 ? 4  VAL A O    1 
ATOM 45  C CB   . VAL A 1 4  ? -5.506 4.239   0.983  1.00 -0.01 ? 4  VAL A CB   1 
ATOM 46  C CG1  . VAL A 1 4  ? -4.796 3.101   0.239  1.00 -0.09 ? 4  VAL A CG1  1 
ATOM 47  C CG2  . VAL A 1 4  ? -6.656 3.618   1.790  1.00 -0.09 ? 4  VAL A CG2  1 
ATOM 48  H H    . VAL A 1 4  ? -6.098 6.392   2.306  1.00 0.25  ? 4  VAL A H    1 
ATOM 49  H HA   . VAL A 1 4  ? -4.029 4.291   2.539  1.00 0.05  ? 4  VAL A HA   1 
ATOM 50  H HB   . VAL A 1 4  ? -5.942 4.921   0.251  1.00 0.02  ? 4  VAL A HB   1 
ATOM 51  H HG11 . VAL A 1 4  ? -4.429 2.359   0.949  1.00 0.03  ? 4  VAL A HG11 1 
ATOM 52  H HG12 . VAL A 1 4  ? -5.500 2.615   -0.436 1.00 0.03  ? 4  VAL A HG12 1 
ATOM 53  H HG13 . VAL A 1 4  ? -3.959 3.474   -0.348 1.00 0.03  ? 4  VAL A HG13 1 
ATOM 54  H HG21 . VAL A 1 4  ? -7.281 4.390   2.239  1.00 0.03  ? 4  VAL A HG21 1 
ATOM 55  H HG22 . VAL A 1 4  ? -7.284 3.019   1.129  1.00 0.03  ? 4  VAL A HG22 1 
ATOM 56  H HG23 . VAL A 1 4  ? -6.258 2.976   2.577  1.00 0.03  ? 4  VAL A HG23 1 
ATOM 57  N N    . ALA A 1 5  ? -2.535 6.415   1.869  1.00 -0.46 ? 5  ALA A N    1 
ATOM 58  C CA   . ALA A 1 5  ? -1.464 7.256   1.346  1.00 0.04  ? 5  ALA A CA   1 
ATOM 59  C C    . ALA A 1 5  ? -0.109 6.693   1.779  1.00 0.62  ? 5  ALA A C    1 
ATOM 60  O O    . ALA A 1 5  ? -0.054 5.588   2.311  1.00 -0.50 ? 5  ALA A O    1 
ATOM 61  C CB   . ALA A 1 5  ? -1.671 8.695   1.832  1.00 -0.10 ? 5  ALA A CB   1 
ATOM 62  H H    . ALA A 1 5  ? -2.557 6.246   2.872  1.00 0.25  ? 5  ALA A H    1 
ATOM 63  H HA   . ALA A 1 5  ? -1.484 7.263   0.256  1.00 0.05  ? 5  ALA A HA   1 
ATOM 64  H HB1  . ALA A 1 5  ? -0.929 9.365   1.398  1.00 0.04  ? 5  ALA A HB1  1 
ATOM 65  H HB2  . ALA A 1 5  ? -1.598 8.734   2.919  1.00 0.04  ? 5  ALA A HB2  1 
ATOM 66  H HB3  . ALA A 1 5  ? -2.656 9.040   1.525  1.00 0.04  ? 5  ALA A HB3  1 
ATOM 67  N N    . PHE A 1 6  ? 0.971  7.453   1.539  1.00 -0.46 ? 6  PHE A N    1 
ATOM 68  C CA   . PHE A 1 6  ? 2.377  7.071   1.702  1.00 0.04  ? 6  PHE A CA   1 
ATOM 69  C C    . PHE A 1 6  ? 2.648  6.070   2.830  1.00 0.62  ? 6  PHE A C    1 
ATOM 70  O O    . PHE A 1 6  ? 3.425  5.140   2.640  1.00 -0.50 ? 6  PHE A O    1 
ATOM 71  C CB   . PHE A 1 6  ? 3.242  8.325   1.897  1.00 -0.10 ? 6  PHE A CB   1 
ATOM 72  C CG   . PHE A 1 6  ? 4.708  8.006   2.135  1.00 -0.10 ? 6  PHE A CG   1 
ATOM 73  C CD1  . PHE A 1 6  ? 5.508  7.565   1.065  1.00 -0.15 ? 6  PHE A CD1  1 
ATOM 74  C CD2  . PHE A 1 6  ? 5.217  7.967   3.448  1.00 -0.15 ? 6  PHE A CD2  1 
ATOM 75  C CE1  . PHE A 1 6  ? 6.815  7.108   1.301  1.00 -0.15 ? 6  PHE A CE1  1 
ATOM 76  C CE2  . PHE A 1 6  ? 6.523  7.503   3.685  1.00 -0.15 ? 6  PHE A CE2  1 
ATOM 77  C CZ   . PHE A 1 6  ? 7.323  7.076   2.611  1.00 -0.15 ? 6  PHE A CZ   1 
ATOM 78  H H    . PHE A 1 6  ? 0.804  8.348   1.106  1.00 0.25  ? 6  PHE A H    1 
ATOM 79  H HA   . PHE A 1 6  ? 2.690  6.596   0.771  1.00 0.05  ? 6  PHE A HA   1 
ATOM 80  H HB2  . PHE A 1 6  ? 3.167  8.959   1.013  1.00 0.11  ? 6  PHE A HB2  1 
ATOM 81  H HB3  . PHE A 1 6  ? 2.863  8.890   2.749  1.00 0.11  ? 6  PHE A HB3  1 
ATOM 82  H HD1  . PHE A 1 6  ? 5.117  7.557   0.056  1.00 0.15  ? 6  PHE A HD1  1 
ATOM 83  H HD2  . PHE A 1 6  ? 4.606  8.266   4.286  1.00 0.15  ? 6  PHE A HD2  1 
ATOM 84  H HE1  . PHE A 1 6  ? 7.427  6.769   0.476  1.00 0.15  ? 6  PHE A HE1  1 
ATOM 85  H HE2  . PHE A 1 6  ? 6.907  7.455   4.693  1.00 0.15  ? 6  PHE A HE2  1 
ATOM 86  H HZ   . PHE A 1 6  ? 8.324  6.712   2.796  1.00 0.15  ? 6  PHE A HZ   1 
ATOM 87  N N    . TYR A 1 7  ? 2.033  6.287   3.997  1.00 -0.46 ? 7  TYR A N    1 
ATOM 88  C CA   . TYR A 1 7  ? 2.092  5.392   5.145  1.00 0.04  ? 7  TYR A CA   1 
ATOM 89  C C    . TYR A 1 7  ? 2.023  3.911   4.750  1.00 0.62  ? 7  TYR A C    1 
ATOM 90  O O    . TYR A 1 7  ? 2.812  3.107   5.241  1.00 -0.50 ? 7  TYR A O    1 
ATOM 91  C CB   . TYR A 1 7  ? 0.949  5.743   6.107  1.00 -0.10 ? 7  TYR A CB   1 
ATOM 92  C CG   . TYR A 1 7  ? 0.859  4.820   7.306  1.00 -0.03 ? 7  TYR A CG   1 
ATOM 93  C CD1  . TYR A 1 7  ? 1.806  4.924   8.341  1.00 0.00  ? 7  TYR A CD1  1 
ATOM 94  C CD2  . TYR A 1 7  ? -0.092 3.782   7.331  1.00 0.00  ? 7  TYR A CD2  1 
ATOM 95  C CE1  . TYR A 1 7  ? 1.795  4.003   9.403  1.00 -0.26 ? 7  TYR A CE1  1 
ATOM 96  C CE2  . TYR A 1 7  ? -0.101 2.860   8.391  1.00 -0.26 ? 7  TYR A CE2  1 
ATOM 97  C CZ   . TYR A 1 7  ? 0.844  2.969   9.425  1.00 0.46  ? 7  TYR A CZ   1 
ATOM 98  O OH   . TYR A 1 7  ? 0.832  2.068   10.448 1.00 -0.53 ? 7  TYR A OH   1 
ATOM 99  H H    . TYR A 1 7  ? 1.395  7.065   4.047  1.00 0.25  ? 7  TYR A H    1 
ATOM 100 H HA   . TYR A 1 7  ? 3.034  5.570   5.663  1.00 0.05  ? 7  TYR A HA   1 
ATOM 101 H HB2  . TYR A 1 7  ? 1.088  6.764   6.464  1.00 0.04  ? 7  TYR A HB2  1 
ATOM 102 H HB3  . TYR A 1 7  ? 0.004  5.707   5.560  1.00 0.04  ? 7  TYR A HB3  1 
ATOM 103 H HD1  . TYR A 1 7  ? 2.553  5.705   8.317  1.00 0.06  ? 7  TYR A HD1  1 
ATOM 104 H HD2  . TYR A 1 7  ? -0.808 3.677   6.528  1.00 0.06  ? 7  TYR A HD2  1 
ATOM 105 H HE1  . TYR A 1 7  ? 2.528  4.092   10.192 1.00 0.10  ? 7  TYR A HE1  1 
ATOM 106 H HE2  . TYR A 1 7  ? -0.828 2.062   8.409  1.00 0.10  ? 7  TYR A HE2  1 
ATOM 107 H HH   . TYR A 1 7  ? 1.526  2.222   11.091 1.00 0.33  ? 7  TYR A HH   1 
ATOM 108 N N    . ILE A 1 8  ? 1.054  3.551   3.902  1.00 -0.46 ? 8  ILE A N    1 
ATOM 109 C CA   . ILE A 1 8  ? 0.816  2.174   3.495  1.00 0.04  ? 8  ILE A CA   1 
ATOM 110 C C    . ILE A 1 8  ? 1.755  1.811   2.330  1.00 0.62  ? 8  ILE A C    1 
ATOM 111 O O    . ILE A 1 8  ? 2.859  2.344   2.218  1.00 -0.50 ? 8  ILE A O    1 
ATOM 112 C CB   . ILE A 1 8  ? -0.706 1.980   3.265  1.00 -0.01 ? 8  ILE A CB   1 
ATOM 113 C CG1  . ILE A 1 8  ? -1.211 0.555   3.563  1.00 -0.05 ? 8  ILE A CG1  1 
ATOM 114 C CG2  . ILE A 1 8  ? -1.200 2.431   1.883  1.00 -0.09 ? 8  ILE A CG2  1 
ATOM 115 C CD1  . ILE A 1 8  ? -1.314 0.275   5.066  1.00 -0.09 ? 8  ILE A CD1  1 
ATOM 116 H H    . ILE A 1 8  ? 0.501  4.281   3.465  1.00 0.25  ? 8  ILE A H    1 
ATOM 117 H HA   . ILE A 1 8  ? 1.100  1.532   4.328  1.00 0.05  ? 8  ILE A HA   1 
ATOM 118 H HB   . ILE A 1 8  ? -1.215 2.631   3.978  1.00 0.02  ? 8  ILE A HB   1 
ATOM 119 H HG12 . ILE A 1 8  ? -2.213 0.444   3.146  1.00 0.03  ? 8  ILE A HG12 1 
ATOM 120 H HG13 . ILE A 1 8  ? -0.567 -0.196  3.109  1.00 0.03  ? 8  ILE A HG13 1 
ATOM 121 H HG21 . ILE A 1 8  ? -1.085 1.641   1.144  1.00 0.03  ? 8  ILE A HG21 1 
ATOM 122 H HG22 . ILE A 1 8  ? -2.260 2.673   1.947  1.00 0.03  ? 8  ILE A HG22 1 
ATOM 123 H HG23 . ILE A 1 8  ? -0.662 3.314   1.550  1.00 0.03  ? 8  ILE A HG23 1 
ATOM 124 H HD11 . ILE A 1 8  ? -0.335 0.323   5.542  1.00 0.03  ? 8  ILE A HD11 1 
ATOM 125 H HD12 . ILE A 1 8  ? -1.979 1.000   5.536  1.00 0.03  ? 8  ILE A HD12 1 
ATOM 126 H HD13 . ILE A 1 8  ? -1.724 -0.724  5.216  1.00 0.03  ? 8  ILE A HD13 1 
ATOM 127 N N    . PHE A 1 9  ? 1.368  0.853   1.484  1.00 -0.46 ? 9  PHE A N    1 
ATOM 128 C CA   . PHE A 1 9  ? 2.136  0.428   0.316  1.00 0.04  ? 9  PHE A CA   1 
ATOM 129 C C    . PHE A 1 9  ? 3.509  -0.152  0.681  1.00 0.62  ? 9  PHE A C    1 
ATOM 130 O O    . PHE A 1 9  ? 4.330  -0.330  -0.213 1.00 -0.50 ? 9  PHE A O    1 
ATOM 131 C CB   . PHE A 1 9  ? 2.332  1.597   -0.668 1.00 -0.10 ? 9  PHE A CB   1 
ATOM 132 C CG   . PHE A 1 9  ? 1.148  2.523   -0.878 1.00 -0.10 ? 9  PHE A CG   1 
ATOM 133 C CD1  . PHE A 1 9  ? -0.048 2.028   -1.426 1.00 -0.15 ? 9  PHE A CD1  1 
ATOM 134 C CD2  . PHE A 1 9  ? 1.278  3.902   -0.630 1.00 -0.15 ? 9  PHE A CD2  1 
ATOM 135 C CE1  . PHE A 1 9  ? -1.128 2.892   -1.673 1.00 -0.15 ? 9  PHE A CE1  1 
ATOM 136 C CE2  . PHE A 1 9  ? 0.230  4.779   -0.958 1.00 -0.15 ? 9  PHE A CE2  1 
ATOM 137 C CZ   . PHE A 1 9  ? -0.986 4.271   -1.449 1.00 -0.15 ? 9  PHE A CZ   1 
ATOM 138 H H    . PHE A 1 9  ? 0.455  0.447   1.602  1.00 0.25  ? 9  PHE A H    1 
ATOM 139 H HA   . PHE A 1 9  ? 1.560  -0.344  -0.188 1.00 0.05  ? 9  PHE A HA   1 
ATOM 140 H HB2  . PHE A 1 9  ? 3.183  2.193   -0.334 1.00 0.11  ? 9  PHE A HB2  1 
ATOM 141 H HB3  . PHE A 1 9  ? 2.611  1.182   -1.636 1.00 0.11  ? 9  PHE A HB3  1 
ATOM 142 H HD1  . PHE A 1 9  ? -0.137 0.988   -1.683 1.00 0.15  ? 9  PHE A HD1  1 
ATOM 143 H HD2  . PHE A 1 9  ? 2.193  4.296   -0.209 1.00 0.15  ? 9  PHE A HD2  1 
ATOM 144 H HE1  . PHE A 1 9  ? -2.056 2.492   -2.061 1.00 0.15  ? 9  PHE A HE1  1 
ATOM 145 H HE2  . PHE A 1 9  ? 0.367  5.842   -0.851 1.00 0.15  ? 9  PHE A HE2  1 
ATOM 146 H HZ   . PHE A 1 9  ? -1.802 4.940   -1.677 1.00 0.15  ? 9  PHE A HZ   1 
ATOM 147 N N    . THR A 1 10 ? 3.802  -0.355  1.972  1.00 -0.46 ? 10 THR A N    1 
ATOM 148 C CA   . THR A 1 10 ? 5.158  -0.412  2.517  1.00 0.04  ? 10 THR A CA   1 
ATOM 149 C C    . THR A 1 10 ? 6.098  0.547   1.766  1.00 0.62  ? 10 THR A C    1 
ATOM 150 O O    . THR A 1 10 ? 7.219  0.190   1.412  1.00 -0.50 ? 10 THR A O    1 
ATOM 151 C CB   . THR A 1 10 ? 5.654  -1.868  2.574  1.00 0.17  ? 10 THR A CB   1 
ATOM 152 O OG1  . THR A 1 10 ? 4.621  -2.678  3.101  1.00 -0.55 ? 10 THR A OG1  1 
ATOM 153 C CG2  . THR A 1 10 ? 6.868  -2.051  3.494  1.00 -0.19 ? 10 THR A CG2  1 
ATOM 154 H H    . THR A 1 10 ? 3.062  -0.264  2.647  1.00 0.25  ? 10 THR A H    1 
ATOM 155 H HA   . THR A 1 10 ? 5.092  -0.048  3.544  1.00 0.05  ? 10 THR A HA   1 
ATOM 156 H HB   . THR A 1 10 ? 5.904  -2.199  1.565  1.00 0.08  ? 10 THR A HB   1 
ATOM 157 H HG1  . THR A 1 10 ? 4.910  -3.600  3.109  1.00 0.31  ? 10 THR A HG1  1 
ATOM 158 H HG21 . THR A 1 10 ? 6.622  -1.720  4.503  1.00 0.07  ? 10 THR A HG21 1 
ATOM 159 H HG22 . THR A 1 10 ? 7.147  -3.104  3.526  1.00 0.07  ? 10 THR A HG22 1 
ATOM 160 H HG23 . THR A 1 10 ? 7.725  -1.482  3.134  1.00 0.07  ? 10 THR A HG23 1 
ATOM 161 N N    . HIS A 1 11 ? 5.608  1.761   1.487  1.00 -0.46 ? 11 HIS A N    1 
ATOM 162 C CA   . HIS A 1 11 ? 6.329  2.815   0.781  1.00 0.04  ? 11 HIS A CA   1 
ATOM 163 C C    . HIS A 1 11 ? 6.885  2.406   -0.599 1.00 0.62  ? 11 HIS A C    1 
ATOM 164 O O    . HIS A 1 11 ? 7.748  3.113   -1.118 1.00 -0.50 ? 11 HIS A O    1 
ATOM 165 C CB   . HIS A 1 11 ? 7.452  3.369   1.672  1.00 -0.10 ? 11 HIS A CB   1 
ATOM 166 C CG   . HIS A 1 11 ? 7.054  3.681   3.094  1.00 -0.03 ? 11 HIS A CG   1 
ATOM 167 N ND1  . HIS A 1 11 ? 5.815  4.086   3.542  1.00 -0.15 ? 11 HIS A ND1  1 
ATOM 168 C CD2  . HIS A 1 11 ? 7.888  3.632   4.179  1.00 0.20  ? 11 HIS A CD2  1 
ATOM 169 C CE1  . HIS A 1 11 ? 5.908  4.266   4.870  1.00 0.24  ? 11 HIS A CE1  1 
ATOM 170 N NE2  . HIS A 1 11 ? 7.152  4.009   5.305  1.00 -0.50 ? 11 HIS A NE2  1 
ATOM 171 H H    . HIS A 1 11 ? 4.668  1.982   1.813  1.00 0.25  ? 11 HIS A H    1 
ATOM 172 H HA   . HIS A 1 11 ? 5.616  3.622   0.608  1.00 0.05  ? 11 HIS A HA   1 
ATOM 173 H HB2  . HIS A 1 11 ? 8.265  2.642   1.700  1.00 0.04  ? 11 HIS A HB2  1 
ATOM 174 H HB3  . HIS A 1 11 ? 7.839  4.284   1.223  1.00 0.04  ? 11 HIS A HB3  1 
ATOM 175 H HD1  . HIS A 1 11 ? 4.980  4.246   2.986  1.00 0.23  ? 11 HIS A HD1  1 
ATOM 176 H HD2  . HIS A 1 11 ? 8.932  3.359   4.168  1.00 0.02  ? 11 HIS A HD2  1 
ATOM 177 H HE1  . HIS A 1 11 ? 5.100  4.589   5.505  1.00 0.04  ? 11 HIS A HE1  1 
ATOM 178 N N    . GLN A 1 12 ? 6.413  1.310   -1.210 1.00 -0.46 ? 12 GLN A N    1 
ATOM 179 C CA   . GLN A 1 12 ? 6.819  0.882   -2.550 1.00 0.04  ? 12 GLN A CA   1 
ATOM 180 C C    . GLN A 1 12 ? 5.629  0.968   -3.513 1.00 0.62  ? 12 GLN A C    1 
ATOM 181 O O    . GLN A 1 12 ? 4.615  1.582   -3.187 1.00 -0.50 ? 12 GLN A O    1 
ATOM 182 C CB   . GLN A 1 12 ? 7.547  -0.478  -2.496 1.00 -0.10 ? 12 GLN A CB   1 
ATOM 183 C CG   . GLN A 1 12 ? 6.733  -1.703  -2.044 1.00 -0.10 ? 12 GLN A CG   1 
ATOM 184 C CD   . GLN A 1 12 ? 5.709  -2.166  -3.078 1.00 0.68  ? 12 GLN A CD   1 
ATOM 185 O OE1  . GLN A 1 12 ? 4.504  -2.128  -2.842 1.00 -0.47 ? 12 GLN A OE1  1 
ATOM 186 N NE2  . GLN A 1 12 ? 6.180  -2.573  -4.251 1.00 -0.87 ? 12 GLN A NE2  1 
ATOM 187 H H    . GLN A 1 12 ? 5.677  0.776   -0.761 1.00 0.25  ? 12 GLN A H    1 
ATOM 188 H HA   . GLN A 1 12 ? 7.551  1.585   -2.948 1.00 0.05  ? 12 GLN A HA   1 
ATOM 189 H HB2  . GLN A 1 12 ? 7.995  -0.685  -3.468 1.00 0.04  ? 12 GLN A HB2  1 
ATOM 190 H HB3  . GLN A 1 12 ? 8.370  -0.365  -1.787 1.00 0.04  ? 12 GLN A HB3  1 
ATOM 191 H HG2  . GLN A 1 12 ? 7.431  -2.524  -1.879 1.00 0.06  ? 12 GLN A HG2  1 
ATOM 192 H HG3  . GLN A 1 12 ? 6.248  -1.494  -1.095 1.00 0.06  ? 12 GLN A HG3  1 
ATOM 193 H HE21 . GLN A 1 12 ? 7.169  -2.703  -4.391 1.00 0.34  ? 12 GLN A HE21 1 
ATOM 194 H HE22 . GLN A 1 12 ? 5.517  -2.848  -4.988 1.00 0.34  ? 12 GLN A HE22 1 
ATOM 195 N N    . GLY A 1 13 ? 5.741  0.371   -4.704 1.00 -0.46 ? 13 GLY A N    1 
ATOM 196 C CA   . GLY A 1 13 ? 4.803  0.535   -5.810 1.00 0.04  ? 13 GLY A CA   1 
ATOM 197 C C    . GLY A 1 13 ? 3.440  -0.147  -5.636 1.00 0.62  ? 13 GLY A C    1 
ATOM 198 O O    . GLY A 1 13 ? 2.832  -0.549  -6.623 1.00 -0.50 ? 13 GLY A O    1 
ATOM 199 H H    . GLY A 1 13 ? 6.555  -0.196  -4.886 1.00 0.25  ? 13 GLY A H    1 
ATOM 200 H HA2  . GLY A 1 13 ? 4.630  1.601   -5.968 1.00 0.03  ? 13 GLY A HA2  1 
ATOM 201 H HA3  . GLY A 1 13 ? 5.271  0.133   -6.709 1.00 0.03  ? 13 GLY A HA3  1 
ATOM 202 N N    . SER A 1 14 ? 2.904  -0.184  -4.413 1.00 -0.46 ? 14 SER A N    1 
ATOM 203 C CA   . SER A 1 14 ? 1.513  -0.525  -4.150 1.00 0.04  ? 14 SER A CA   1 
ATOM 204 C C    . SER A 1 14 ? 1.196  -1.989  -4.493 1.00 0.62  ? 14 SER A C    1 
ATOM 205 O O    . SER A 1 14 ? 0.088  -2.287  -4.935 1.00 -0.50 ? 14 SER A O    1 
ATOM 206 C CB   . SER A 1 14 ? 0.613  0.471   -4.908 1.00 0.02  ? 14 SER A CB   1 
ATOM 207 O OG   . SER A 1 14 ? -0.618 0.680   -4.247 1.00 -0.55 ? 14 SER A OG   1 
ATOM 208 H H    . SER A 1 14 ? 3.445  0.198   -3.649 1.00 0.25  ? 14 SER A H    1 
ATOM 209 H HA   . SER A 1 14 ? 1.352  -0.394  -3.081 1.00 0.05  ? 14 SER A HA   1 
ATOM 210 H HB2  . SER A 1 14 ? 1.110  1.441   -4.969 1.00 0.12  ? 14 SER A HB2  1 
ATOM 211 H HB3  . SER A 1 14 ? 0.433  0.106   -5.922 1.00 0.12  ? 14 SER A HB3  1 
ATOM 212 H HG   . SER A 1 14 ? -1.180 1.230   -4.800 1.00 0.31  ? 14 SER A HG   1 
ATOM 213 N N    . ASP A 1 15 ? 2.147  -2.908  -4.278 1.00 -0.46 ? 15 ASP A N    1 
ATOM 214 C CA   . ASP A 1 15 ? 1.997  -4.305  -4.679 1.00 0.04  ? 15 ASP A CA   1 
ATOM 215 C C    . ASP A 1 15 ? 2.854  -5.261  -3.836 1.00 0.62  ? 15 ASP A C    1 
ATOM 216 O O    . ASP A 1 15 ? 2.325  -6.028  -3.030 1.00 -0.50 ? 15 ASP A O    1 
ATOM 217 C CB   . ASP A 1 15 ? 2.221  -4.469  -6.199 1.00 -0.40 ? 15 ASP A CB   1 
ATOM 218 C CG   . ASP A 1 15 ? 3.644  -4.229  -6.700 1.00 0.71  ? 15 ASP A CG   1 
ATOM 219 O OD1  . ASP A 1 15 ? 4.388  -3.485  -6.018 1.00 -0.72 ? 15 ASP A OD1  1 
ATOM 220 O OD2  . ASP A 1 15 ? 3.999  -4.856  -7.718 1.00 -0.72 ? 15 ASP A OD2  1 
ATOM 221 H H    . ASP A 1 15 ? 3.054  -2.606  -3.933 1.00 0.25  ? 15 ASP A H    1 
ATOM 222 H HA   . ASP A 1 15 ? 0.961  -4.593  -4.485 1.00 0.05  ? 15 ASP A HA   1 
ATOM 223 H HB2  . ASP A 1 15 ? 1.944  -5.488  -6.472 1.00 0.07  ? 15 ASP A HB2  1 
ATOM 224 H HB3  . ASP A 1 15 ? 1.562  -3.789  -6.738 1.00 0.07  ? 15 ASP A HB3  1 
ATOM 225 N N    . PHE A 1 16 ? 4.172  -5.232  -4.025 1.00 -0.46 ? 16 PHE A N    1 
ATOM 226 C CA   . PHE A 1 16 ? 5.125  -6.208  -3.527 1.00 0.04  ? 16 PHE A CA   1 
ATOM 227 C C    . PHE A 1 16 ? 5.869  -5.594  -2.347 1.00 0.62  ? 16 PHE A C    1 
ATOM 228 O O    . PHE A 1 16 ? 6.950  -5.027  -2.495 1.00 -0.50 ? 16 PHE A O    1 
ATOM 229 C CB   . PHE A 1 16 ? 6.063  -6.618  -4.669 1.00 -0.10 ? 16 PHE A CB   1 
ATOM 230 C CG   . PHE A 1 16 ? 6.940  -7.808  -4.332 1.00 -0.10 ? 16 PHE A CG   1 
ATOM 231 C CD1  . PHE A 1 16 ? 6.416  -9.111  -4.425 1.00 -0.15 ? 16 PHE A CD1  1 
ATOM 232 C CD2  . PHE A 1 16 ? 8.251  -7.615  -3.859 1.00 -0.15 ? 16 PHE A CD2  1 
ATOM 233 C CE1  . PHE A 1 16 ? 7.206  -10.217 -4.063 1.00 -0.15 ? 16 PHE A CE1  1 
ATOM 234 C CE2  . PHE A 1 16 ? 9.041  -8.720  -3.496 1.00 -0.15 ? 16 PHE A CE2  1 
ATOM 235 C CZ   . PHE A 1 16 ? 8.518  -10.021 -3.599 1.00 -0.15 ? 16 PHE A CZ   1 
ATOM 236 H H    . PHE A 1 16 ? 4.517  -4.514  -4.657 1.00 0.25  ? 16 PHE A H    1 
ATOM 237 H HA   . PHE A 1 16 ? 4.599  -7.105  -3.194 1.00 0.05  ? 16 PHE A HA   1 
ATOM 238 H HB2  . PHE A 1 16 ? 5.460  -6.875  -5.542 1.00 0.11  ? 16 PHE A HB2  1 
ATOM 239 H HB3  . PHE A 1 16 ? 6.684  -5.765  -4.952 1.00 0.11  ? 16 PHE A HB3  1 
ATOM 240 H HD1  . PHE A 1 16 ? 5.405  -9.267  -4.773 1.00 0.15  ? 16 PHE A HD1  1 
ATOM 241 H HD2  . PHE A 1 16 ? 8.653  -6.615  -3.759 1.00 0.15  ? 16 PHE A HD2  1 
ATOM 242 H HE1  . PHE A 1 16 ? 6.801  -11.215 -4.137 1.00 0.15  ? 16 PHE A HE1  1 
ATOM 243 H HE2  . PHE A 1 16 ? 10.046 -8.567  -3.132 1.00 0.15  ? 16 PHE A HE2  1 
ATOM 244 H HZ   . PHE A 1 16 ? 9.125  -10.871 -3.319 1.00 0.15  ? 16 PHE A HZ   1 
ATOM 245 N N    . GLY A 1 17 ? 5.250  -5.658  -1.170 1.00 -0.46 ? 17 GLY A N    1 
ATOM 246 C CA   . GLY A 1 17 ? 5.697  -4.908  -0.009 1.00 0.04  ? 17 GLY A CA   1 
ATOM 247 C C    . GLY A 1 17 ? 4.623  -4.904  1.075  1.00 0.62  ? 17 GLY A C    1 
ATOM 248 O O    . GLY A 1 17 ? 4.878  -5.363  2.189  1.00 -0.50 ? 17 GLY A O    1 
ATOM 249 H H    . GLY A 1 17 ? 4.356  -6.129  -1.131 1.00 0.25  ? 17 GLY A H    1 
ATOM 250 H HA2  . GLY A 1 17 ? 6.606  -5.366  0.381  1.00 0.03  ? 17 GLY A HA2  1 
ATOM 251 H HA3  . GLY A 1 17 ? 5.916  -3.879  -0.292 1.00 0.03  ? 17 GLY A HA3  1 
ATOM 252 N N    . PRO A 1 18 ? 3.414  -4.395  0.794  1.00 -0.23 ? 18 PRO A N    1 
ATOM 253 C CA   . PRO A 1 18 ? 2.306  -4.401  1.741  1.00 0.04  ? 18 PRO A CA   1 
ATOM 254 C C    . PRO A 1 18 ? 1.659  -5.791  1.778  1.00 0.53  ? 18 PRO A C    1 
ATOM 255 O O    . PRO A 1 18 ? 0.460  -5.930  1.554  1.00 -0.50 ? 18 PRO A O    1 
ATOM 256 C CB   . PRO A 1 18 ? 1.365  -3.309  1.222  1.00 -0.12 ? 18 PRO A CB   1 
ATOM 257 C CG   . PRO A 1 18 ? 1.555  -3.417  -0.294 1.00 -0.12 ? 18 PRO A CG   1 
ATOM 258 C CD   . PRO A 1 18 ? 3.051  -3.675  -0.415 1.00 -0.01 ? 18 PRO A CD   1 
ATOM 259 H HA   . PRO A 1 18 ? 2.622  -4.146  2.752  1.00 0.05  ? 18 PRO A HA   1 
ATOM 260 H HB2  . PRO A 1 18 ? 0.333  -3.439  1.543  1.00 0.06  ? 18 PRO A HB2  1 
ATOM 261 H HB3  . PRO A 1 18 ? 1.729  -2.341  1.563  1.00 0.06  ? 18 PRO A HB3  1 
ATOM 262 H HG2  . PRO A 1 18 ? 1.024  -4.291  -0.677 1.00 0.06  ? 18 PRO A HG2  1 
ATOM 263 H HG3  . PRO A 1 18 ? 1.253  -2.525  -0.836 1.00 0.06  ? 18 PRO A HG3  1 
ATOM 264 H HD2  . PRO A 1 18 ? 3.235  -4.227  -1.331 1.00 0.06  ? 18 PRO A HD2  1 
ATOM 265 H HD3  . PRO A 1 18 ? 3.592  -2.732  -0.444 1.00 0.06  ? 18 PRO A HD3  1 
ATOM 266 N N    . ILE A 1 19 ? 2.467  -6.822  2.049  1.00 -0.46 ? 19 ILE A N    1 
ATOM 267 C CA   . ILE A 1 19 ? 2.123  -8.241  2.014  1.00 0.04  ? 19 ILE A CA   1 
ATOM 268 C C    . ILE A 1 19 ? 1.752  -8.731  0.603  1.00 0.62  ? 19 ILE A C    1 
ATOM 269 O O    . ILE A 1 19 ? 2.393  -9.642  0.085  1.00 -0.50 ? 19 ILE A O    1 
ATOM 270 C CB   . ILE A 1 19 ? 1.136  -8.630  3.145  1.00 -0.01 ? 19 ILE A CB   1 
ATOM 271 C CG1  . ILE A 1 19 ? 1.654  -9.830  3.961  1.00 -0.05 ? 19 ILE A CG1  1 
ATOM 272 C CG2  . ILE A 1 19 ? -0.317 -8.881  2.709  1.00 -0.09 ? 19 ILE A CG2  1 
ATOM 273 C CD1  . ILE A 1 19 ? 1.777  -11.138 3.171  1.00 -0.09 ? 19 ILE A CD1  1 
ATOM 274 H H    . ILE A 1 19 ? 3.429  -6.595  2.275  1.00 0.25  ? 19 ILE A H    1 
ATOM 275 H HA   . ILE A 1 19 ? 3.072  -8.727  2.248  1.00 0.05  ? 19 ILE A HA   1 
ATOM 276 H HB   . ILE A 1 19 ? 1.103  -7.799  3.853  1.00 0.02  ? 19 ILE A HB   1 
ATOM 277 H HG12 . ILE A 1 19 ? 2.633  -9.580  4.372  1.00 0.03  ? 19 ILE A HG12 1 
ATOM 278 H HG13 . ILE A 1 19 ? 0.978  -10.000 4.801  1.00 0.03  ? 19 ILE A HG13 1 
ATOM 279 H HG21 . ILE A 1 19 ? -0.382 -9.701  1.996  1.00 0.03  ? 19 ILE A HG21 1 
ATOM 280 H HG22 . ILE A 1 19 ? -0.918 -9.134  3.583  1.00 0.03  ? 19 ILE A HG22 1 
ATOM 281 H HG23 . ILE A 1 19 ? -0.742 -7.987  2.259  1.00 0.03  ? 19 ILE A HG23 1 
ATOM 282 H HD11 . ILE A 1 19 ? 2.473  -11.027 2.342  1.00 0.03  ? 19 ILE A HD11 1 
ATOM 283 H HD12 . ILE A 1 19 ? 2.155  -11.915 3.835  1.00 0.03  ? 19 ILE A HD12 1 
ATOM 284 H HD13 . ILE A 1 19 ? 0.806  -11.454 2.792  1.00 0.03  ? 19 ILE A HD13 1 
ATOM 285 N N    . PHE A 1 20 ? 0.733  -8.143  -0.027 1.00 -0.46 ? 20 PHE A N    1 
ATOM 286 C CA   . PHE A 1 20 ? 0.229  -8.513  -1.340 1.00 0.04  ? 20 PHE A CA   1 
ATOM 287 C C    . PHE A 1 20 ? -0.736 -7.416  -1.794 1.00 0.62  ? 20 PHE A C    1 
ATOM 288 O O    . PHE A 1 20 ? -1.174 -6.608  -0.973 1.00 -0.50 ? 20 PHE A O    1 
ATOM 289 C CB   . PHE A 1 20 ? -0.476 -9.877  -1.258 1.00 -0.10 ? 20 PHE A CB   1 
ATOM 290 C CG   . PHE A 1 20 ? -1.061 -10.368 -2.567 1.00 -0.10 ? 20 PHE A CG   1 
ATOM 291 C CD1  . PHE A 1 20 ? -0.207 -10.848 -3.577 1.00 -0.15 ? 20 PHE A CD1  1 
ATOM 292 C CD2  . PHE A 1 20 ? -2.446 -10.277 -2.808 1.00 -0.15 ? 20 PHE A CD2  1 
ATOM 293 C CE1  . PHE A 1 20 ? -0.740 -11.273 -4.807 1.00 -0.15 ? 20 PHE A CE1  1 
ATOM 294 C CE2  . PHE A 1 20 ? -2.975 -10.688 -4.042 1.00 -0.15 ? 20 PHE A CE2  1 
ATOM 295 C CZ   . PHE A 1 20 ? -2.125 -11.203 -5.036 1.00 -0.15 ? 20 PHE A CZ   1 
ATOM 296 H H    . PHE A 1 20 ? 0.275  -7.349  0.415  1.00 0.25  ? 20 PHE A H    1 
ATOM 297 H HA   . PHE A 1 20 ? 1.064  -8.564  -2.042 1.00 0.05  ? 20 PHE A HA   1 
ATOM 298 H HB2  . PHE A 1 20 ? 0.238  -10.628 -0.916 1.00 0.11  ? 20 PHE A HB2  1 
ATOM 299 H HB3  . PHE A 1 20 ? -1.268 -9.814  -0.512 1.00 0.11  ? 20 PHE A HB3  1 
ATOM 300 H HD1  . PHE A 1 20 ? 0.860  -10.905 -3.408 1.00 0.15  ? 20 PHE A HD1  1 
ATOM 301 H HD2  . PHE A 1 20 ? -3.111 -9.888  -2.051 1.00 0.15  ? 20 PHE A HD2  1 
ATOM 302 H HE1  . PHE A 1 20 ? -0.083 -11.662 -5.573 1.00 0.15  ? 20 PHE A HE1  1 
ATOM 303 H HE2  . PHE A 1 20 ? -4.038 -10.616 -4.225 1.00 0.15  ? 20 PHE A HE2  1 
ATOM 304 H HZ   . PHE A 1 20 ? -2.538 -11.551 -5.972 1.00 0.15  ? 20 PHE A HZ   1 
ATOM 305 N N    . MET A 1 21 ? -1.098 -7.407  -3.080 1.00 -0.46 ? 21 MET A N    1 
ATOM 306 C CA   . MET A 1 21 ? -1.985 -6.424  -3.689 1.00 0.04  ? 21 MET A CA   1 
ATOM 307 C C    . MET A 1 21 ? -3.454 -6.600  -3.260 1.00 0.62  ? 21 MET A C    1 
ATOM 308 O O    . MET A 1 21 ? -4.335 -6.853  -4.077 1.00 -0.50 ? 21 MET A O    1 
ATOM 309 C CB   . MET A 1 21 ? -1.782 -6.396  -5.214 1.00 -0.15 ? 21 MET A CB   1 
ATOM 310 C CG   . MET A 1 21 ? -1.970 -7.744  -5.925 1.00 -0.05 ? 21 MET A CG   1 
ATOM 311 S SD   . MET A 1 21 ? -1.823 -7.639  -7.727 1.00 0.74  ? 21 MET A SD   1 
ATOM 312 C CE   . MET A 1 21 ? -2.077 -9.368  -8.180 1.00 -0.13 ? 21 MET A CE   1 
ATOM 313 H H    . MET A 1 21 ? -0.727 -8.137  -3.669 1.00 0.25  ? 21 MET A H    1 
ATOM 314 H HA   . MET A 1 21 ? -1.675 -5.440  -3.335 1.00 0.05  ? 21 MET A HA   1 
ATOM 315 H HB2  . MET A 1 21 ? -2.476 -5.673  -5.646 1.00 0.03  ? 21 MET A HB2  1 
ATOM 316 H HB3  . MET A 1 21 ? -0.769 -6.051  -5.423 1.00 0.03  ? 21 MET A HB3  1 
ATOM 317 H HG2  . MET A 1 21 ? -1.213 -8.446  -5.585 1.00 0.07  ? 21 MET A HG2  1 
ATOM 318 H HG3  . MET A 1 21 ? -2.954 -8.151  -5.701 1.00 0.07  ? 21 MET A HG3  1 
ATOM 319 H HE1  . MET A 1 21 ? -3.056 -9.693  -7.832 1.00 0.07  ? 21 MET A HE1  1 
ATOM 320 H HE2  . MET A 1 21 ? -2.025 -9.459  -9.264 1.00 0.07  ? 21 MET A HE2  1 
ATOM 321 H HE3  . MET A 1 21 ? -1.297 -9.976  -7.724 1.00 0.07  ? 21 MET A HE3  1 
ATOM 322 N N    . THR A 1 22 ? -3.721 -6.415  -1.967 1.00 -0.46 ? 22 THR A N    1 
ATOM 323 C CA   . THR A 1 22 ? -5.044 -6.188  -1.400 1.00 0.04  ? 22 THR A CA   1 
ATOM 324 C C    . THR A 1 22 ? -4.959 -5.029  -0.393 1.00 0.62  ? 22 THR A C    1 
ATOM 325 O O    . THR A 1 22 ? -5.581 -3.985  -0.581 1.00 -0.50 ? 22 THR A O    1 
ATOM 326 C CB   . THR A 1 22 ? -5.619 -7.507  -0.849 1.00 0.17  ? 22 THR A CB   1 
ATOM 327 O OG1  . THR A 1 22 ? -6.907 -7.287  -0.318 1.00 -0.55 ? 22 THR A OG1  1 
ATOM 328 C CG2  . THR A 1 22 ? -4.756 -8.192  0.218  1.00 -0.19 ? 22 THR A CG2  1 
ATOM 329 H H    . THR A 1 22 ? -2.920 -6.289  -1.361 1.00 0.25  ? 22 THR A H    1 
ATOM 330 H HA   . THR A 1 22 ? -5.717 -5.855  -2.194 1.00 0.05  ? 22 THR A HA   1 
ATOM 331 H HB   . THR A 1 22 ? -5.715 -8.192  -1.694 1.00 0.08  ? 22 THR A HB   1 
ATOM 332 H HG1  . THR A 1 22 ? -7.313 -8.132  -0.110 1.00 0.31  ? 22 THR A HG1  1 
ATOM 333 H HG21 . THR A 1 22 ? -4.803 -7.644  1.158  1.00 0.07  ? 22 THR A HG21 1 
ATOM 334 H HG22 . THR A 1 22 ? -5.140 -9.197  0.395  1.00 0.07  ? 22 THR A HG22 1 
ATOM 335 H HG23 . THR A 1 22 ? -3.719 -8.273  -0.109 1.00 0.07  ? 22 THR A HG23 1 
ATOM 336 N N    . ILE A 1 23 ? -4.085 -5.155  0.613  1.00 -0.46 ? 23 ILE A N    1 
ATOM 337 C CA   . ILE A 1 23 ? -3.789 -4.110  1.590  1.00 0.04  ? 23 ILE A CA   1 
ATOM 338 C C    . ILE A 1 23 ? -3.588 -2.711  0.971  1.00 0.62  ? 23 ILE A C    1 
ATOM 339 O O    . ILE A 1 23 ? -4.141 -1.753  1.504  1.00 -0.50 ? 23 ILE A O    1 
ATOM 340 C CB   . ILE A 1 23 ? -2.596 -4.524  2.476  1.00 -0.01 ? 23 ILE A CB   1 
ATOM 341 C CG1  . ILE A 1 23 ? -2.769 -5.904  3.143  1.00 -0.05 ? 23 ILE A CG1  1 
ATOM 342 C CG2  . ILE A 1 23 ? -2.294 -3.458  3.540  1.00 -0.09 ? 23 ILE A CG2  1 
ATOM 343 C CD1  . ILE A 1 23 ? -4.026 -6.040  4.009  1.00 -0.09 ? 23 ILE A CD1  1 
ATOM 344 H H    . ILE A 1 23 ? -3.554 -6.009  0.672  1.00 0.25  ? 23 ILE A H    1 
ATOM 345 H HA   . ILE A 1 23 ? -4.666 -4.024  2.233  1.00 0.05  ? 23 ILE A HA   1 
ATOM 346 H HB   . ILE A 1 23 ? -1.717 -4.599  1.839  1.00 0.02  ? 23 ILE A HB   1 
ATOM 347 H HG12 . ILE A 1 23 ? -2.792 -6.682  2.381  1.00 0.03  ? 23 ILE A HG12 1 
ATOM 348 H HG13 . ILE A 1 23 ? -1.898 -6.095  3.771  1.00 0.03  ? 23 ILE A HG13 1 
ATOM 349 H HG21 . ILE A 1 23 ? -3.188 -3.230  4.120  1.00 0.03  ? 23 ILE A HG21 1 
ATOM 350 H HG22 . ILE A 1 23 ? -1.513 -3.814  4.213  1.00 0.03  ? 23 ILE A HG22 1 
ATOM 351 H HG23 . ILE A 1 23 ? -1.939 -2.542  3.069  1.00 0.03  ? 23 ILE A HG23 1 
ATOM 352 H HD11 . ILE A 1 23 ? -4.925 -5.955  3.399  1.00 0.03  ? 23 ILE A HD11 1 
ATOM 353 H HD12 . ILE A 1 23 ? -4.022 -7.022  4.483  1.00 0.03  ? 23 ILE A HD12 1 
ATOM 354 H HD13 . ILE A 1 23 ? -4.039 -5.279  4.789  1.00 0.03  ? 23 ILE A HD13 1 
ATOM 355 N N    . PRO A 1 24 ? -2.810 -2.529  -0.113 1.00 -0.23 ? 24 PRO A N    1 
ATOM 356 C CA   . PRO A 1 24 ? -2.614 -1.212  -0.700 1.00 0.04  ? 24 PRO A CA   1 
ATOM 357 C C    . PRO A 1 24 ? -3.895 -0.627  -1.304 1.00 0.53  ? 24 PRO A C    1 
ATOM 358 O O    . PRO A 1 24 ? -3.993 0.592   -1.422 1.00 -0.50 ? 24 PRO A O    1 
ATOM 359 C CB   . PRO A 1 24 ? -1.519 -1.379  -1.751 1.00 -0.12 ? 24 PRO A CB   1 
ATOM 360 C CG   . PRO A 1 24 ? -1.584 -2.851  -2.126 1.00 -0.12 ? 24 PRO A CG   1 
ATOM 361 C CD   . PRO A 1 24 ? -1.987 -3.502  -0.810 1.00 -0.01 ? 24 PRO A CD   1 
ATOM 362 H HA   . PRO A 1 24 ? -2.259 -0.517  0.063  1.00 0.05  ? 24 PRO A HA   1 
ATOM 363 H HB2  . PRO A 1 24 ? -1.685 -0.741  -2.616 1.00 0.06  ? 24 PRO A HB2  1 
ATOM 364 H HB3  . PRO A 1 24 ? -0.552 -1.176  -1.299 1.00 0.06  ? 24 PRO A HB3  1 
ATOM 365 H HG2  . PRO A 1 24 ? -2.371 -2.997  -2.870 1.00 0.06  ? 24 PRO A HG2  1 
ATOM 366 H HG3  . PRO A 1 24 ? -0.636 -3.232  -2.505 1.00 0.06  ? 24 PRO A HG3  1 
ATOM 367 H HD2  . PRO A 1 24 ? -2.493 -4.418  -1.056 1.00 0.06  ? 24 PRO A HD2  1 
ATOM 368 H HD3  . PRO A 1 24 ? -1.108 -3.723  -0.213 1.00 0.06  ? 24 PRO A HD3  1 
ATOM 369 N N    . ALA A 1 25 ? -4.871 -1.463  -1.685 1.00 -0.46 ? 25 ALA A N    1 
ATOM 370 C CA   . ALA A 1 25 ? -6.197 -0.976  -2.045 1.00 0.04  ? 25 ALA A CA   1 
ATOM 371 C C    . ALA A 1 25 ? -6.942 -0.616  -0.759 1.00 0.62  ? 25 ALA A C    1 
ATOM 372 O O    . ALA A 1 25 ? -7.471 0.487   -0.640 1.00 -0.50 ? 25 ALA A O    1 
ATOM 373 C CB   . ALA A 1 25 ? -6.952 -2.024  -2.867 1.00 -0.10 ? 25 ALA A CB   1 
ATOM 374 H H    . ALA A 1 25 ? -4.785 -2.456  -1.503 1.00 0.25  ? 25 ALA A H    1 
ATOM 375 H HA   . ALA A 1 25 ? -6.104 -0.079  -2.660 1.00 0.05  ? 25 ALA A HA   1 
ATOM 376 H HB1  . ALA A 1 25 ? -7.914 -1.613  -3.173 1.00 0.04  ? 25 ALA A HB1  1 
ATOM 377 H HB2  . ALA A 1 25 ? -6.376 -2.281  -3.756 1.00 0.04  ? 25 ALA A HB2  1 
ATOM 378 H HB3  . ALA A 1 25 ? -7.131 -2.925  -2.281 1.00 0.04  ? 25 ALA A HB3  1 
ATOM 379 N N    . PHE A 1 26 ? -6.917 -1.542  0.205  1.00 -0.46 ? 26 PHE A N    1 
ATOM 380 C CA   . PHE A 1 26 ? -7.527 -1.405  1.521  1.00 0.04  ? 26 PHE A CA   1 
ATOM 381 C C    . PHE A 1 26 ? -9.050 -1.536  1.386  1.00 0.52  ? 26 PHE A C    1 
ATOM 382 O O    . PHE A 1 26 ? -9.775 -0.714  1.990  1.00 -0.71 ? 26 PHE A O    1 
ATOM 383 C CB   . PHE A 1 26 ? -7.052 -0.111  2.213  1.00 -0.10 ? 26 PHE A CB   1 
ATOM 384 C CG   . PHE A 1 26 ? -6.878 -0.210  3.719  1.00 -0.10 ? 26 PHE A CG   1 
ATOM 385 C CD1  . PHE A 1 26 ? -7.986 -0.062  4.572  1.00 -0.15 ? 26 PHE A CD1  1 
ATOM 386 C CD2  . PHE A 1 26 ? -5.601 -0.436  4.269  1.00 -0.15 ? 26 PHE A CD2  1 
ATOM 387 C CE1  . PHE A 1 26 ? -7.820 -0.134  5.967  1.00 -0.15 ? 26 PHE A CE1  1 
ATOM 388 C CE2  . PHE A 1 26 ? -5.434 -0.507  5.663  1.00 -0.15 ? 26 PHE A CE2  1 
ATOM 389 C CZ   . PHE A 1 26 ? -6.544 -0.354  6.513  1.00 -0.15 ? 26 PHE A CZ   1 
ATOM 390 O OXT  . PHE A 1 26 ? -9.467 -2.475  0.673  1.00 -0.71 ? 26 PHE A OXT  1 
ATOM 391 H H    . PHE A 1 26 ? -6.501 -2.440  -0.013 1.00 0.25  ? 26 PHE A H    1 
ATOM 392 H HA   . PHE A 1 26 ? -7.176 -2.251  2.112  1.00 0.05  ? 26 PHE A HA   1 
ATOM 393 H HB2  . PHE A 1 26 ? -6.087 0.174   1.793  1.00 0.11  ? 26 PHE A HB2  1 
ATOM 394 H HB3  . PHE A 1 26 ? -7.752 0.693   1.980  1.00 0.11  ? 26 PHE A HB3  1 
ATOM 395 H HD1  . PHE A 1 26 ? -8.971 0.095   4.155  1.00 0.15  ? 26 PHE A HD1  1 
ATOM 396 H HD2  . PHE A 1 26 ? -4.745 -0.559  3.624  1.00 0.15  ? 26 PHE A HD2  1 
ATOM 397 H HE1  . PHE A 1 26 ? -8.678 -0.026  6.614  1.00 0.15  ? 26 PHE A HE1  1 
ATOM 398 H HE2  . PHE A 1 26 ? -4.453 -0.682  6.080  1.00 0.15  ? 26 PHE A HE2  1 
ATOM 399 H HZ   . PHE A 1 26 ? -6.417 -0.412  7.584  1.00 0.15  ? 26 PHE A HZ   1 
# 
